data_8EDC
#
_entry.id   8EDC
#
_cell.length_a   41.282
_cell.length_b   130.216
_cell.length_c   97.549
_cell.angle_alpha   90.000
_cell.angle_beta   90.000
_cell.angle_gamma   90.000
#
_symmetry.space_group_name_H-M   'C 2 2 2'
#
loop_
_entity.id
_entity.type
_entity.pdbx_description
1 polymer 'Netrin receptor unc-5'
2 branched 2-acetamido-2-deoxy-beta-D-glucopyranose-(1-4)-[alpha-L-fucopyranose-(1-6)]2-acetamido-2-deoxy-beta-D-glucopyranose
3 non-polymer 'SULFATE ION'
#
_entity_poly.entity_id   1
_entity_poly.type   'polypeptide(L)'
_entity_poly.pdbx_seq_one_letter_code
;ADPGMDEITITTQPKSGYVIRNKPLRLQCRANHATKIRYKCSSKWIDDSRIEKLIGTDSTSGVGYIDASVDISRIDVDTS
GHVDAFQCQCYASGDDDQDVVASDVATVHLAYMRKHFLKSPVAQRVQEGTTLQLPCQAPESDPKAELTWYKDGVVVQPDA
NVIRASDGSLIMSAARLSDSGNYTCEATNVANSRKTDPVEVQIYHHHHHH
;
_entity_poly.pdbx_strand_id   A
#
# COMPACT_ATOMS: atom_id res chain seq x y z
N ASP A 6 -3.00 30.50 28.34
CA ASP A 6 -1.84 29.63 28.45
C ASP A 6 -1.16 29.45 27.10
N GLU A 7 -0.36 28.40 26.98
CA GLU A 7 0.37 28.10 25.75
C GLU A 7 -0.33 26.99 24.97
N ILE A 8 0.00 26.92 23.68
CA ILE A 8 -0.64 25.95 22.79
C ILE A 8 0.03 24.60 22.96
N THR A 9 -0.78 23.57 23.20
CA THR A 9 -0.30 22.20 23.33
C THR A 9 -1.05 21.30 22.36
N ILE A 10 -0.34 20.31 21.83
CA ILE A 10 -0.92 19.38 20.87
C ILE A 10 -1.64 18.28 21.63
N THR A 11 -2.95 18.15 21.39
CA THR A 11 -3.74 17.13 22.08
C THR A 11 -3.54 15.76 21.45
N THR A 12 -3.68 15.67 20.12
CA THR A 12 -3.49 14.42 19.40
C THR A 12 -2.54 14.65 18.24
N GLN A 13 -1.69 13.65 17.96
CA GLN A 13 -0.67 13.74 16.93
C GLN A 13 -1.11 13.02 15.66
N PRO A 14 -0.72 13.52 14.49
CA PRO A 14 -1.01 12.81 13.24
C PRO A 14 -0.18 11.53 13.15
N LYS A 15 -0.83 10.45 12.77
CA LYS A 15 -0.21 9.13 12.75
C LYS A 15 0.25 8.79 11.34
N SER A 16 1.41 8.11 11.25
CA SER A 16 1.92 7.66 9.96
C SER A 16 1.09 6.49 9.43
N GLY A 17 0.99 6.41 8.11
CA GLY A 17 0.22 5.36 7.50
C GLY A 17 0.48 5.27 6.02
N TYR A 18 -0.33 4.44 5.36
CA TYR A 18 -0.19 4.17 3.93
C TYR A 18 -1.35 4.80 3.15
N VAL A 19 -1.10 5.02 1.87
CA VAL A 19 -2.16 5.40 0.93
C VAL A 19 -2.47 4.19 0.06
N ILE A 20 -3.42 3.37 0.51
CA ILE A 20 -3.76 2.15 -0.20
C ILE A 20 -4.63 2.49 -1.40
N ARG A 21 -4.35 1.84 -2.53
CA ARG A 21 -5.12 2.03 -3.76
C ARG A 21 -5.20 3.52 -4.09
N ASN A 22 -6.43 4.04 -4.17
CA ASN A 22 -6.67 5.47 -4.16
C ASN A 22 -7.36 5.90 -2.88
N LYS A 23 -7.44 5.03 -1.88
CA LYS A 23 -7.99 5.37 -0.58
C LYS A 23 -7.05 6.32 0.13
N PRO A 24 -7.50 7.51 0.54
CA PRO A 24 -6.58 8.46 1.18
C PRO A 24 -6.23 8.03 2.59
N LEU A 25 -5.25 8.73 3.15
CA LEU A 25 -4.82 8.55 4.54
C LEU A 25 -5.23 9.79 5.32
N ARG A 26 -6.16 9.63 6.25
CA ARG A 26 -6.62 10.75 7.05
C ARG A 26 -5.64 11.04 8.18
N LEU A 27 -5.18 12.28 8.27
CA LEU A 27 -4.30 12.74 9.32
C LEU A 27 -5.07 13.67 10.24
N GLN A 28 -5.17 13.30 11.51
CA GLN A 28 -5.92 14.07 12.50
C GLN A 28 -4.94 14.76 13.46
N CYS A 29 -5.29 15.98 13.87
CA CYS A 29 -4.38 16.80 14.66
C CYS A 29 -5.22 17.79 15.47
N ARG A 30 -5.13 17.70 16.80
CA ARG A 30 -5.88 18.55 17.70
C ARG A 30 -4.92 19.29 18.63
N ALA A 31 -5.22 20.57 18.90
CA ALA A 31 -4.40 21.40 19.76
C ALA A 31 -5.29 22.23 20.66
N ASN A 32 -4.80 22.50 21.87
CA ASN A 32 -5.47 23.36 22.84
C ASN A 32 -4.92 24.77 22.76
N HIS A 33 -5.78 25.75 23.08
CA HIS A 33 -5.44 27.17 23.03
C HIS A 33 -5.01 27.60 21.62
N ALA A 34 -5.50 26.92 20.60
CA ALA A 34 -5.11 27.19 19.22
C ALA A 34 -6.32 27.62 18.41
N THR A 35 -6.09 28.54 17.47
CA THR A 35 -7.14 29.07 16.60
C THR A 35 -7.16 28.43 15.22
N LYS A 36 -6.00 28.23 14.61
CA LYS A 36 -5.91 27.68 13.26
C LYS A 36 -4.94 26.50 13.26
N ILE A 37 -5.16 25.58 12.33
CA ILE A 37 -4.29 24.43 12.11
C ILE A 37 -3.98 24.35 10.62
N ARG A 38 -2.69 24.30 10.29
CA ARG A 38 -2.24 24.22 8.90
C ARG A 38 -1.26 23.07 8.76
N TYR A 39 -1.51 22.21 7.76
CA TYR A 39 -0.62 21.10 7.46
C TYR A 39 0.43 21.51 6.43
N LYS A 40 1.56 20.80 6.46
CA LYS A 40 2.63 20.98 5.48
C LYS A 40 3.22 19.63 5.15
N CYS A 41 3.21 19.28 3.87
CA CYS A 41 3.74 18.00 3.40
C CYS A 41 4.84 18.26 2.38
N SER A 42 6.04 17.76 2.66
CA SER A 42 7.20 17.87 1.78
C SER A 42 7.47 19.31 1.39
N SER A 43 7.46 20.19 2.38
CA SER A 43 7.72 21.62 2.21
C SER A 43 6.74 22.25 1.21
N LYS A 44 5.45 21.99 1.44
CA LYS A 44 4.40 22.57 0.60
C LYS A 44 3.11 22.59 1.41
N TRP A 45 2.57 23.77 1.65
CA TRP A 45 1.37 23.89 2.48
C TRP A 45 0.15 23.31 1.77
N ILE A 46 -0.72 22.68 2.54
CA ILE A 46 -1.95 22.11 2.02
C ILE A 46 -3.06 23.15 2.14
N ASP A 47 -3.86 23.26 1.08
CA ASP A 47 -4.93 24.25 1.03
C ASP A 47 -5.93 24.00 2.17
N ASP A 48 -6.22 25.08 2.91
CA ASP A 48 -7.22 25.00 3.98
C ASP A 48 -8.60 24.61 3.48
N SER A 49 -8.82 24.65 2.17
CA SER A 49 -10.08 24.16 1.62
C SER A 49 -10.23 22.65 1.84
N ARG A 50 -9.11 21.93 1.94
CA ARG A 50 -9.13 20.48 2.12
C ARG A 50 -9.14 20.06 3.58
N ILE A 51 -9.00 21.00 4.51
CA ILE A 51 -8.89 20.69 5.94
C ILE A 51 -10.26 20.85 6.58
N GLU A 52 -10.68 19.84 7.34
CA GLU A 52 -11.92 19.87 8.09
C GLU A 52 -11.58 20.25 9.54
N LYS A 53 -11.95 21.46 9.93
CA LYS A 53 -11.58 22.03 11.22
C LYS A 53 -12.78 22.01 12.16
N LEU A 54 -12.58 21.50 13.38
CA LEU A 54 -13.61 21.48 14.41
C LEU A 54 -13.14 22.33 15.57
N ILE A 55 -13.82 23.44 15.81
CA ILE A 55 -13.43 24.42 16.83
C ILE A 55 -14.54 24.47 17.89
N GLY A 56 -14.13 24.40 19.14
CA GLY A 56 -15.07 24.49 20.24
C GLY A 56 -14.39 24.87 21.52
N THR A 57 -15.05 24.57 22.63
CA THR A 57 -14.51 24.83 23.96
C THR A 57 -15.01 23.73 24.91
N ASP A 58 -14.09 23.21 25.72
CA ASP A 58 -14.46 22.15 26.66
C ASP A 58 -15.44 22.67 27.69
N SER A 59 -16.57 21.97 27.85
CA SER A 59 -17.62 22.43 28.76
C SER A 59 -17.18 22.42 30.21
N THR A 60 -16.19 21.60 30.57
CA THR A 60 -15.69 21.52 31.93
C THR A 60 -14.43 22.34 32.14
N SER A 61 -13.42 22.16 31.28
CA SER A 61 -12.16 22.89 31.44
C SER A 61 -12.28 24.33 30.96
N GLY A 62 -13.15 24.60 29.99
CA GLY A 62 -13.26 25.95 29.46
C GLY A 62 -12.08 26.37 28.60
N VAL A 63 -11.42 25.42 27.96
CA VAL A 63 -10.25 25.68 27.13
C VAL A 63 -10.63 25.53 25.67
N GLY A 64 -10.18 26.47 24.85
CA GLY A 64 -10.44 26.38 23.42
C GLY A 64 -9.58 25.32 22.76
N TYR A 65 -10.20 24.55 21.87
CA TYR A 65 -9.53 23.50 21.14
C TYR A 65 -9.88 23.60 19.66
N ILE A 66 -9.04 22.98 18.83
CA ILE A 66 -9.30 22.88 17.40
C ILE A 66 -8.85 21.50 16.93
N ASP A 67 -9.76 20.73 16.37
CA ASP A 67 -9.48 19.40 15.84
C ASP A 67 -9.58 19.47 14.32
N ALA A 68 -8.51 19.09 13.64
CA ALA A 68 -8.43 19.21 12.19
C ALA A 68 -8.00 17.88 11.57
N SER A 69 -8.64 17.54 10.46
CA SER A 69 -8.31 16.34 9.69
C SER A 69 -8.08 16.73 8.23
N VAL A 70 -7.41 15.83 7.51
CA VAL A 70 -7.12 16.05 6.10
C VAL A 70 -6.88 14.68 5.46
N ASP A 71 -7.36 14.52 4.22
CA ASP A 71 -7.19 13.29 3.46
C ASP A 71 -6.01 13.45 2.51
N ILE A 72 -4.98 12.65 2.72
CA ILE A 72 -3.79 12.65 1.86
C ILE A 72 -4.01 11.62 0.77
N SER A 73 -4.22 12.08 -0.46
CA SER A 73 -4.51 11.21 -1.59
C SER A 73 -3.24 10.89 -2.37
N ARG A 74 -3.37 10.00 -3.36
CA ARG A 74 -2.25 9.67 -4.22
C ARG A 74 -1.74 10.88 -4.97
N ILE A 75 -2.63 11.80 -5.33
CA ILE A 75 -2.24 12.95 -6.15
C ILE A 75 -1.21 13.79 -5.42
N ASP A 76 -1.32 13.89 -4.09
CA ASP A 76 -0.32 14.61 -3.31
C ASP A 76 1.04 13.90 -3.35
N VAL A 77 1.04 12.56 -3.41
CA VAL A 77 2.29 11.82 -3.45
C VAL A 77 2.96 11.97 -4.81
N ASP A 78 2.15 11.98 -5.88
CA ASP A 78 2.72 12.05 -7.22
C ASP A 78 3.30 13.42 -7.54
N THR A 79 2.68 14.49 -7.02
CA THR A 79 3.14 15.83 -7.34
C THR A 79 4.46 16.17 -6.65
N SER A 80 4.72 15.60 -5.48
CA SER A 80 5.96 15.86 -4.76
C SER A 80 7.15 15.21 -5.45
N VAL A 83 12.02 10.13 -3.59
CA VAL A 83 11.57 9.23 -2.54
C VAL A 83 10.05 9.21 -2.49
N ASP A 84 9.47 8.01 -2.63
CA ASP A 84 8.02 7.86 -2.61
C ASP A 84 7.42 8.12 -1.23
N ALA A 85 8.24 8.15 -0.18
CA ALA A 85 7.78 8.42 1.17
C ALA A 85 8.08 9.87 1.51
N PHE A 86 7.05 10.62 1.89
CA PHE A 86 7.18 12.03 2.23
C PHE A 86 6.62 12.26 3.63
N GLN A 87 6.83 13.47 4.14
CA GLN A 87 6.54 13.80 5.53
C GLN A 87 5.53 14.93 5.62
N CYS A 88 4.61 14.80 6.59
CA CYS A 88 3.62 15.83 6.88
C CYS A 88 3.64 16.17 8.36
N GLN A 89 3.15 17.36 8.68
CA GLN A 89 2.97 17.78 10.07
C GLN A 89 2.09 19.02 10.09
N CYS A 90 1.21 19.09 11.09
CA CYS A 90 0.33 20.23 11.27
C CYS A 90 1.02 21.32 12.09
N TYR A 91 0.44 22.52 12.06
CA TYR A 91 0.95 23.66 12.81
C TYR A 91 -0.22 24.38 13.45
N ALA A 92 -0.19 24.53 14.76
CA ALA A 92 -1.25 25.20 15.50
C ALA A 92 -0.94 26.68 15.61
N SER A 93 -1.91 27.52 15.23
CA SER A 93 -1.76 28.97 15.23
C SER A 93 -2.75 29.58 16.21
N GLY A 94 -2.65 30.90 16.38
CA GLY A 94 -3.54 31.62 17.27
C GLY A 94 -3.30 33.10 17.24
N ASP A 95 -3.49 33.78 18.38
CA ASP A 95 -3.19 35.19 18.48
C ASP A 95 -1.73 35.45 18.15
N ASP A 96 -1.43 36.70 17.79
CA ASP A 96 -0.08 37.06 17.38
C ASP A 96 0.96 36.70 18.44
N ASP A 97 0.64 36.98 19.71
CA ASP A 97 1.56 36.65 20.79
C ASP A 97 1.76 35.15 20.92
N GLN A 98 0.76 34.36 20.54
CA GLN A 98 0.88 32.92 20.64
C GLN A 98 1.95 32.40 19.68
N ASP A 99 2.86 31.57 20.19
CA ASP A 99 3.92 31.00 19.38
C ASP A 99 3.44 29.75 18.67
N VAL A 100 3.81 29.63 17.39
CA VAL A 100 3.38 28.50 16.59
C VAL A 100 4.09 27.23 17.05
N VAL A 101 3.32 26.18 17.30
CA VAL A 101 3.84 24.89 17.75
C VAL A 101 3.62 23.87 16.64
N ALA A 102 4.69 23.18 16.26
CA ALA A 102 4.60 22.11 15.29
C ALA A 102 4.30 20.79 15.99
N SER A 103 3.94 19.79 15.20
CA SER A 103 3.55 18.48 15.72
C SER A 103 4.56 17.42 15.30
N ASP A 104 4.37 16.23 15.86
CA ASP A 104 5.18 15.09 15.45
C ASP A 104 4.97 14.82 13.97
N VAL A 105 6.06 14.71 13.24
CA VAL A 105 5.99 14.52 11.79
C VAL A 105 5.59 13.08 11.50
N ALA A 106 4.62 12.91 10.62
CA ALA A 106 4.11 11.61 10.21
C ALA A 106 4.49 11.38 8.75
N THR A 107 5.21 10.29 8.48
CA THR A 107 5.58 9.94 7.13
C THR A 107 4.46 9.14 6.47
N VAL A 108 4.25 9.39 5.19
CA VAL A 108 3.15 8.79 4.43
C VAL A 108 3.76 7.92 3.33
N HIS A 109 3.42 6.63 3.35
CA HIS A 109 3.86 5.68 2.35
C HIS A 109 2.75 5.45 1.33
N LEU A 110 3.15 5.03 0.13
CA LEU A 110 2.23 4.75 -0.95
C LEU A 110 2.22 3.26 -1.26
N ALA A 111 1.04 2.67 -1.29
CA ALA A 111 0.85 1.29 -1.70
C ALA A 111 0.26 1.26 -3.10
N TYR A 112 0.92 0.54 -4.01
CA TYR A 112 0.51 0.53 -5.40
C TYR A 112 0.82 -0.82 -6.03
N MET A 113 0.33 -0.99 -7.25
CA MET A 113 0.63 -2.18 -8.06
C MET A 113 0.44 -1.80 -9.52
N ARG A 114 1.45 -2.11 -10.34
CA ARG A 114 1.41 -1.69 -11.73
C ARG A 114 0.45 -2.57 -12.53
N LYS A 115 0.41 -2.33 -13.84
CA LYS A 115 -0.62 -2.94 -14.67
C LYS A 115 -0.24 -4.34 -15.13
N HIS A 116 1.01 -4.55 -15.54
CA HIS A 116 1.41 -5.77 -16.22
C HIS A 116 2.50 -6.50 -15.44
N PHE A 117 2.40 -7.83 -15.45
CA PHE A 117 3.44 -8.66 -14.86
C PHE A 117 4.77 -8.42 -15.56
N LEU A 118 5.86 -8.66 -14.84
CA LEU A 118 7.18 -8.50 -15.43
C LEU A 118 7.61 -9.75 -16.19
N LYS A 119 7.28 -10.93 -15.65
CA LYS A 119 7.59 -12.20 -16.30
C LYS A 119 6.37 -13.09 -16.21
N SER A 120 5.83 -13.49 -17.37
CA SER A 120 4.60 -14.27 -17.42
C SER A 120 4.90 -15.70 -17.88
N PRO A 121 4.11 -16.67 -17.44
CA PRO A 121 4.30 -18.04 -17.93
C PRO A 121 3.76 -18.23 -19.34
N VAL A 122 4.36 -19.16 -20.07
CA VAL A 122 3.99 -19.46 -21.44
C VAL A 122 3.68 -20.96 -21.53
N ALA A 123 2.79 -21.30 -22.46
CA ALA A 123 2.38 -22.69 -22.65
C ALA A 123 3.56 -23.54 -23.10
N GLN A 124 3.60 -24.78 -22.62
CA GLN A 124 4.73 -25.67 -22.87
C GLN A 124 4.25 -27.10 -23.00
N ARG A 125 4.90 -27.87 -23.88
CA ARG A 125 4.73 -29.31 -23.97
C ARG A 125 6.04 -29.95 -23.54
N VAL A 126 6.02 -30.65 -22.41
CA VAL A 126 7.25 -31.14 -21.78
C VAL A 126 7.23 -32.66 -21.73
N GLN A 127 8.40 -33.26 -21.93
CA GLN A 127 8.54 -34.71 -21.85
C GLN A 127 8.44 -35.16 -20.39
N GLU A 128 7.79 -36.30 -20.18
CA GLU A 128 7.63 -36.81 -18.82
C GLU A 128 8.98 -37.06 -18.18
N GLY A 129 9.08 -36.77 -16.89
CA GLY A 129 10.33 -36.89 -16.17
C GLY A 129 11.26 -35.70 -16.31
N THR A 130 10.90 -34.71 -17.13
CA THR A 130 11.73 -33.52 -17.30
C THR A 130 11.34 -32.47 -16.27
N THR A 131 12.34 -31.72 -15.80
CA THR A 131 12.09 -30.67 -14.83
C THR A 131 11.29 -29.53 -15.47
N LEU A 132 10.10 -29.29 -14.94
CA LEU A 132 9.21 -28.25 -15.45
C LEU A 132 9.35 -26.98 -14.61
N GLN A 133 9.43 -25.85 -15.29
CA GLN A 133 9.55 -24.55 -14.63
C GLN A 133 8.62 -23.56 -15.30
N LEU A 134 7.74 -22.94 -14.52
CA LEU A 134 6.81 -21.93 -15.01
C LEU A 134 7.09 -20.62 -14.30
N PRO A 135 7.72 -19.64 -14.95
CA PRO A 135 8.11 -18.41 -14.25
C PRO A 135 6.94 -17.46 -14.03
N CYS A 136 7.10 -16.62 -13.01
CA CYS A 136 6.11 -15.59 -12.71
C CYS A 136 6.79 -14.52 -11.87
N GLN A 137 6.81 -13.29 -12.37
CA GLN A 137 7.30 -12.14 -11.62
C GLN A 137 6.20 -11.10 -11.59
N ALA A 138 5.78 -10.71 -10.39
CA ALA A 138 4.67 -9.80 -10.22
C ALA A 138 4.99 -8.43 -10.82
N PRO A 139 3.96 -7.62 -11.10
CA PRO A 139 4.21 -6.23 -11.47
C PRO A 139 4.93 -5.49 -10.36
N GLU A 140 5.53 -4.35 -10.72
CA GLU A 140 6.19 -3.52 -9.72
C GLU A 140 5.19 -3.10 -8.65
N SER A 141 5.31 -3.69 -7.46
CA SER A 141 4.36 -3.47 -6.38
C SER A 141 5.10 -3.15 -5.09
N ASP A 142 4.45 -2.35 -4.25
CA ASP A 142 4.94 -2.00 -2.93
C ASP A 142 3.75 -1.90 -2.00
N PRO A 143 3.62 -2.79 -0.99
CA PRO A 143 4.60 -3.82 -0.61
C PRO A 143 4.70 -4.98 -1.60
N LYS A 144 5.74 -5.79 -1.45
CA LYS A 144 5.95 -6.93 -2.35
C LYS A 144 4.73 -7.84 -2.35
N ALA A 145 4.15 -8.04 -3.53
CA ALA A 145 2.92 -8.81 -3.64
C ALA A 145 3.18 -10.29 -3.40
N GLU A 146 2.16 -10.98 -2.91
CA GLU A 146 2.22 -12.41 -2.70
C GLU A 146 1.83 -13.15 -3.97
N LEU A 147 2.59 -14.20 -4.29
CA LEU A 147 2.34 -15.01 -5.48
C LEU A 147 1.68 -16.32 -5.06
N THR A 148 0.55 -16.63 -5.70
CA THR A 148 -0.14 -17.90 -5.50
C THR A 148 -0.44 -18.52 -6.86
N TRP A 149 -0.22 -19.83 -6.97
CA TRP A 149 -0.42 -20.55 -8.22
C TRP A 149 -1.73 -21.34 -8.17
N TYR A 150 -2.43 -21.35 -9.30
CA TYR A 150 -3.66 -22.12 -9.45
C TYR A 150 -3.51 -23.09 -10.61
N LYS A 151 -4.07 -24.29 -10.44
CA LYS A 151 -4.05 -25.32 -11.49
C LYS A 151 -5.47 -25.82 -11.69
N ASP A 152 -6.05 -25.53 -12.85
CA ASP A 152 -7.40 -25.97 -13.20
C ASP A 152 -8.40 -25.53 -12.14
N GLY A 153 -8.18 -24.35 -11.58
CA GLY A 153 -9.07 -23.79 -10.58
C GLY A 153 -8.72 -24.12 -9.13
N VAL A 154 -7.81 -25.06 -8.89
CA VAL A 154 -7.38 -25.38 -7.54
C VAL A 154 -6.03 -24.74 -7.29
N VAL A 155 -5.78 -24.40 -6.02
CA VAL A 155 -4.50 -23.80 -5.65
C VAL A 155 -3.42 -24.88 -5.66
N VAL A 156 -2.28 -24.56 -6.27
CA VAL A 156 -1.15 -25.49 -6.29
C VAL A 156 -0.56 -25.55 -4.88
N GLN A 157 -0.69 -26.71 -4.23
CA GLN A 157 -0.11 -26.91 -2.91
C GLN A 157 1.24 -27.58 -3.06
N PRO A 158 2.34 -26.94 -2.67
CA PRO A 158 3.67 -27.54 -2.84
C PRO A 158 3.76 -28.90 -2.18
N ASP A 159 4.40 -29.84 -2.86
CA ASP A 159 4.50 -31.21 -2.38
C ASP A 159 5.92 -31.71 -2.66
N ALA A 160 6.05 -33.03 -2.79
CA ALA A 160 7.35 -33.62 -3.10
C ALA A 160 7.79 -33.29 -4.53
N ASN A 161 6.84 -33.26 -5.46
CA ASN A 161 7.20 -32.98 -6.85
C ASN A 161 7.30 -31.49 -7.13
N VAL A 162 6.29 -30.73 -6.70
CA VAL A 162 6.22 -29.29 -6.98
C VAL A 162 6.84 -28.53 -5.81
N ILE A 163 7.65 -27.54 -6.12
CA ILE A 163 8.29 -26.69 -5.11
C ILE A 163 8.16 -25.24 -5.53
N ARG A 164 7.92 -24.36 -4.56
CA ARG A 164 7.89 -22.93 -4.80
C ARG A 164 9.29 -22.37 -4.65
N ALA A 165 9.79 -21.72 -5.69
CA ALA A 165 11.13 -21.15 -5.68
C ALA A 165 11.10 -19.72 -5.15
N SER A 166 12.28 -19.23 -4.79
CA SER A 166 12.39 -17.90 -4.21
C SER A 166 12.06 -16.81 -5.23
N ASP A 167 12.33 -17.06 -6.51
CA ASP A 167 12.03 -16.09 -7.57
C ASP A 167 10.57 -16.13 -8.00
N GLY A 168 9.71 -16.81 -7.26
CA GLY A 168 8.31 -16.92 -7.61
C GLY A 168 7.98 -17.98 -8.65
N SER A 169 8.97 -18.53 -9.32
CA SER A 169 8.72 -19.54 -10.34
C SER A 169 8.28 -20.85 -9.70
N LEU A 170 7.31 -21.51 -10.34
CA LEU A 170 6.84 -22.81 -9.90
C LEU A 170 7.68 -23.88 -10.59
N ILE A 171 8.30 -24.75 -9.79
CA ILE A 171 9.25 -25.73 -10.31
C ILE A 171 8.75 -27.13 -9.94
N MET A 172 8.57 -27.97 -10.95
CA MET A 172 8.33 -29.40 -10.77
C MET A 172 9.61 -30.15 -11.08
N SER A 173 10.04 -31.00 -10.15
CA SER A 173 11.28 -31.73 -10.34
C SER A 173 11.11 -32.85 -11.37
N ALA A 174 10.03 -33.62 -11.25
CA ALA A 174 9.71 -34.69 -12.19
C ALA A 174 8.32 -34.45 -12.75
N ALA A 175 8.25 -34.10 -14.02
CA ALA A 175 6.96 -33.82 -14.66
C ALA A 175 6.17 -35.12 -14.78
N ARG A 176 5.04 -35.19 -14.09
CA ARG A 176 4.11 -36.31 -14.20
C ARG A 176 3.00 -35.95 -15.18
N LEU A 177 2.40 -36.99 -15.77
CA LEU A 177 1.29 -36.76 -16.70
C LEU A 177 0.16 -36.02 -16.02
N SER A 178 -0.06 -36.29 -14.72
CA SER A 178 -1.09 -35.58 -13.97
C SER A 178 -0.81 -34.08 -13.90
N ASP A 179 0.48 -33.71 -13.84
CA ASP A 179 0.85 -32.29 -13.78
C ASP A 179 0.31 -31.48 -14.94
N SER A 180 -0.27 -32.11 -15.96
CA SER A 180 -0.88 -31.37 -17.06
C SER A 180 -2.10 -30.61 -16.55
N GLY A 181 -2.07 -29.29 -16.71
CA GLY A 181 -3.18 -28.47 -16.28
C GLY A 181 -3.04 -27.07 -16.85
N ASN A 182 -4.08 -26.28 -16.68
CA ASN A 182 -4.04 -24.86 -16.98
C ASN A 182 -3.57 -24.11 -15.74
N TYR A 183 -2.46 -23.39 -15.86
CA TYR A 183 -1.80 -22.75 -14.72
C TYR A 183 -1.93 -21.24 -14.82
N THR A 184 -2.31 -20.62 -13.70
CA THR A 184 -2.45 -19.17 -13.62
C THR A 184 -1.69 -18.69 -12.39
N CYS A 185 -0.92 -17.62 -12.55
CA CYS A 185 -0.18 -17.01 -11.45
C CYS A 185 -0.90 -15.75 -10.98
N GLU A 186 -1.19 -15.67 -9.69
CA GLU A 186 -1.88 -14.54 -9.10
C GLU A 186 -0.92 -13.76 -8.22
N ALA A 187 -0.87 -12.45 -8.40
CA ALA A 187 -0.05 -11.54 -7.61
C ALA A 187 -0.99 -10.67 -6.80
N THR A 188 -1.20 -11.03 -5.54
CA THR A 188 -2.10 -10.31 -4.64
C THR A 188 -1.31 -9.32 -3.81
N ASN A 189 -1.73 -8.06 -3.84
CA ASN A 189 -1.10 -6.99 -3.08
C ASN A 189 -2.17 -6.28 -2.27
N VAL A 190 -1.72 -5.40 -1.37
CA VAL A 190 -2.67 -4.62 -0.58
C VAL A 190 -3.42 -3.64 -1.48
N ALA A 191 -2.79 -3.19 -2.56
CA ALA A 191 -3.40 -2.23 -3.46
C ALA A 191 -4.29 -2.89 -4.51
N ASN A 192 -3.86 -4.02 -5.07
CA ASN A 192 -4.63 -4.66 -6.12
C ASN A 192 -4.24 -6.14 -6.19
N SER A 193 -5.03 -6.90 -6.94
CA SER A 193 -4.77 -8.31 -7.18
C SER A 193 -4.94 -8.58 -8.67
N ARG A 194 -3.91 -9.11 -9.31
CA ARG A 194 -3.93 -9.42 -10.73
C ARG A 194 -3.54 -10.87 -10.95
N LYS A 195 -4.06 -11.45 -12.02
CA LYS A 195 -3.73 -12.81 -12.42
C LYS A 195 -3.12 -12.79 -13.82
N THR A 196 -2.36 -13.83 -14.13
CA THR A 196 -1.78 -13.96 -15.45
C THR A 196 -2.78 -14.53 -16.44
N ASP A 197 -2.41 -14.53 -17.71
CA ASP A 197 -3.25 -15.14 -18.73
C ASP A 197 -3.11 -16.66 -18.65
N PRO A 198 -4.20 -17.40 -18.49
CA PRO A 198 -4.09 -18.85 -18.28
C PRO A 198 -3.36 -19.54 -19.43
N VAL A 199 -2.34 -20.32 -19.07
CA VAL A 199 -1.54 -21.07 -20.02
C VAL A 199 -1.71 -22.56 -19.73
N GLU A 200 -1.57 -23.37 -20.76
CA GLU A 200 -1.75 -24.81 -20.67
C GLU A 200 -0.40 -25.51 -20.79
N VAL A 201 -0.17 -26.50 -19.93
CA VAL A 201 1.00 -27.35 -20.02
C VAL A 201 0.53 -28.80 -20.06
N GLN A 202 1.11 -29.59 -20.96
CA GLN A 202 0.75 -30.99 -21.10
C GLN A 202 2.00 -31.85 -21.07
N ILE A 203 1.91 -32.99 -20.42
CA ILE A 203 3.03 -33.92 -20.28
C ILE A 203 2.71 -35.16 -21.10
N TYR A 204 3.69 -35.61 -21.90
CA TYR A 204 3.53 -36.79 -22.72
C TYR A 204 4.55 -37.84 -22.32
N HIS A 205 4.26 -39.08 -22.70
CA HIS A 205 5.16 -40.20 -22.42
C HIS A 205 5.73 -40.77 -23.72
#